data_5DAQ
#
_entry.id   5DAQ
#
_cell.length_a   72.730
_cell.length_b   120.010
_cell.length_c   67.020
_cell.angle_alpha   90.00
_cell.angle_beta   90.00
_cell.angle_gamma   90.00
#
_symmetry.space_group_name_H-M   'C 2 2 21'
#
loop_
_entity.id
_entity.type
_entity.pdbx_description
1 polymer 'Phytanoyl-CoA dioxygenase family protein (AFU_orthologue AFUA_8G00230)'
2 non-polymer 'NICKEL (II) ION'
3 non-polymer '2-OXOGLUTARIC ACID'
4 non-polymer (3S)-3-(4-methoxybenzyl)-4-methyl-3,4-dihydro-1H-1,4-benzodiazepine-2,5-dione
5 water water
#
_entity_poly.entity_id   1
_entity_poly.type   'polypeptide(L)'
_entity_poly.pdbx_seq_one_letter_code
;STSKDHVKSQIPRLSAINDLHKIWPTVEEHGAAIIESFLSLDIVRRLNEEVDPFVKIEPIPAAKTKDHPNHVLSTTTRLV
NVLAPISKAYREDVLNSKVLHRICSDAFHVYGDYWVLMGAVMELAPSNPAQPLHRDMRFSHPIVEYLKPDAPATSINFLV
ALSPFTAENGATHVILGSHKWQNLSNVSMDATVRALMNPGDALLITDSTIHCGGAETTGTETRRLLTITMGISQLTPLES
NLAVPRPVIESLTPLAQRLLGWASQRSAAPRDIGLLTIRGNSIEKTMNLKAEQPLHDDEAEPLCRETI
;
_entity_poly.pdbx_strand_id   A
#
loop_
_chem_comp.id
_chem_comp.type
_chem_comp.name
_chem_comp.formula
58D non-polymer (3S)-3-(4-methoxybenzyl)-4-methyl-3,4-dihydro-1H-1,4-benzodiazepine-2,5-dione 'C18 H18 N2 O3'
AKG non-polymer '2-OXOGLUTARIC ACID' 'C5 H6 O5'
NI non-polymer 'NICKEL (II) ION' 'Ni 2'
#
# COMPACT_ATOMS: atom_id res chain seq x y z
N LYS A 8 9.36 -25.33 7.58
CA LYS A 8 9.82 -23.91 7.75
C LYS A 8 8.76 -23.04 8.41
N SER A 9 9.17 -21.86 8.88
CA SER A 9 8.31 -20.99 9.69
C SER A 9 7.33 -20.18 8.84
N GLN A 10 6.13 -19.97 9.38
CA GLN A 10 5.06 -19.26 8.69
C GLN A 10 5.13 -17.77 8.98
N ILE A 11 4.36 -16.98 8.24
CA ILE A 11 4.33 -15.52 8.44
C ILE A 11 3.73 -15.25 9.83
N PRO A 12 4.43 -14.45 10.66
CA PRO A 12 3.88 -14.11 11.97
C PRO A 12 2.50 -13.47 11.86
N ARG A 13 1.59 -13.88 12.74
CA ARG A 13 0.24 -13.33 12.76
C ARG A 13 0.03 -12.49 14.00
N LEU A 14 -0.54 -11.31 13.82
CA LEU A 14 -0.68 -10.33 14.91
C LEU A 14 -2.07 -9.73 14.96
N SER A 15 -2.49 -9.38 16.17
CA SER A 15 -3.75 -8.68 16.40
C SER A 15 -3.59 -7.19 16.10
N ALA A 16 -4.54 -6.63 15.36
CA ALA A 16 -4.60 -5.19 15.17
C ALA A 16 -5.07 -4.48 16.45
N ILE A 17 -5.75 -5.23 17.31
CA ILE A 17 -6.36 -4.70 18.53
C ILE A 17 -5.37 -4.69 19.70
N ASN A 18 -4.69 -5.82 19.91
CA ASN A 18 -3.85 -6.03 21.09
C ASN A 18 -2.35 -5.89 20.85
N ASP A 19 -1.88 -6.28 19.67
CA ASP A 19 -0.43 -6.40 19.41
C ASP A 19 0.15 -5.21 18.65
N LEU A 20 -0.45 -4.04 18.79
CA LEU A 20 -0.15 -2.90 17.90
C LEU A 20 1.34 -2.51 17.87
N HIS A 21 1.94 -2.39 19.05
CA HIS A 21 3.37 -2.04 19.17
C HIS A 21 4.32 -3.13 18.65
N LYS A 22 3.82 -4.35 18.50
CA LYS A 22 4.63 -5.48 18.04
C LYS A 22 4.68 -5.61 16.53
N ILE A 23 3.75 -4.96 15.82
CA ILE A 23 3.63 -5.16 14.37
C ILE A 23 4.86 -4.70 13.62
N TRP A 24 5.28 -3.44 13.78
CA TRP A 24 6.44 -2.97 13.02
C TRP A 24 7.73 -3.71 13.38
N PRO A 25 8.02 -3.90 14.70
CA PRO A 25 9.18 -4.72 15.06
C PRO A 25 9.18 -6.11 14.43
N THR A 26 8.01 -6.72 14.28
CA THR A 26 7.89 -8.04 13.67
C THR A 26 8.27 -7.99 12.19
N VAL A 27 7.73 -7.01 11.47
CA VAL A 27 8.05 -6.83 10.05
C VAL A 27 9.52 -6.49 9.85
N GLU A 28 10.05 -5.59 10.68
CA GLU A 28 11.45 -5.20 10.60
C GLU A 28 12.37 -6.43 10.74
N GLU A 29 11.98 -7.39 11.59
CA GLU A 29 12.79 -8.57 11.82
C GLU A 29 12.61 -9.64 10.73
N HIS A 30 11.36 -9.92 10.38
CA HIS A 30 11.04 -11.06 9.49
C HIS A 30 10.74 -10.67 8.04
N GLY A 31 10.43 -9.40 7.80
CA GLY A 31 10.15 -8.90 6.45
C GLY A 31 8.68 -8.98 6.07
N ALA A 32 7.87 -9.60 6.92
CA ALA A 32 6.44 -9.75 6.66
C ALA A 32 5.71 -10.09 7.95
N ALA A 33 4.44 -9.70 7.99
CA ALA A 33 3.57 -10.02 9.11
C ALA A 33 2.13 -9.94 8.61
N ILE A 34 1.26 -10.75 9.20
CA ILE A 34 -0.16 -10.66 8.91
C ILE A 34 -0.85 -9.96 10.07
N ILE A 35 -1.54 -8.88 9.75
CA ILE A 35 -2.33 -8.12 10.71
C ILE A 35 -3.76 -8.59 10.57
N GLU A 36 -4.21 -9.39 11.53
CA GLU A 36 -5.56 -9.95 11.48
C GLU A 36 -6.59 -8.86 11.78
N SER A 37 -7.64 -8.83 10.96
CA SER A 37 -8.71 -7.83 11.09
C SER A 37 -8.20 -6.39 11.08
N PHE A 38 -7.26 -6.10 10.18
CA PHE A 38 -6.75 -4.76 9.96
C PHE A 38 -7.89 -3.80 9.64
N LEU A 39 -8.77 -4.22 8.72
CA LEU A 39 -10.03 -3.52 8.47
C LEU A 39 -11.19 -4.39 8.93
N SER A 40 -12.19 -3.78 9.55
CA SER A 40 -13.40 -4.50 9.94
C SER A 40 -14.15 -4.98 8.70
N LEU A 41 -15.00 -5.98 8.87
CA LEU A 41 -15.81 -6.48 7.77
C LEU A 41 -16.76 -5.42 7.23
N ASP A 42 -17.21 -4.50 8.09
CA ASP A 42 -18.05 -3.37 7.66
C ASP A 42 -17.29 -2.48 6.66
N ILE A 43 -16.05 -2.12 7.00
CA ILE A 43 -15.23 -1.27 6.12
C ILE A 43 -14.91 -1.98 4.80
N VAL A 44 -14.57 -3.27 4.88
CA VAL A 44 -14.32 -4.07 3.68
C VAL A 44 -15.55 -4.08 2.76
N ARG A 45 -16.72 -4.27 3.35
CA ARG A 45 -17.98 -4.30 2.59
C ARG A 45 -18.23 -2.98 1.86
N ARG A 46 -18.14 -1.87 2.58
CA ARG A 46 -18.37 -0.55 2.00
C ARG A 46 -17.34 -0.21 0.93
N LEU A 47 -16.08 -0.51 1.23
CA LEU A 47 -14.98 -0.35 0.29
C LEU A 47 -15.26 -1.12 -1.01
N ASN A 48 -15.66 -2.38 -0.88
CA ASN A 48 -15.93 -3.23 -2.05
C ASN A 48 -17.07 -2.68 -2.91
N GLU A 49 -18.17 -2.30 -2.26
CA GLU A 49 -19.31 -1.67 -2.94
C GLU A 49 -18.92 -0.45 -3.74
N GLU A 50 -18.10 0.39 -3.12
CA GLU A 50 -17.75 1.69 -3.69
C GLU A 50 -16.81 1.56 -4.88
N VAL A 51 -15.84 0.65 -4.81
CA VAL A 51 -14.88 0.46 -5.91
C VAL A 51 -15.37 -0.48 -7.01
N ASP A 52 -16.35 -1.32 -6.70
CA ASP A 52 -16.90 -2.32 -7.64
C ASP A 52 -16.99 -1.81 -9.09
N PRO A 53 -17.80 -0.76 -9.35
CA PRO A 53 -17.96 -0.32 -10.73
C PRO A 53 -16.65 0.10 -11.40
N PHE A 54 -15.78 0.76 -10.63
CA PHE A 54 -14.52 1.25 -11.16
C PHE A 54 -13.55 0.13 -11.54
N VAL A 55 -13.57 -1.00 -10.84
CA VAL A 55 -12.73 -2.13 -11.28
C VAL A 55 -13.37 -2.86 -12.48
N LYS A 56 -14.71 -2.86 -12.57
CA LYS A 56 -15.38 -3.47 -13.73
C LYS A 56 -15.08 -2.71 -15.03
N ILE A 57 -14.93 -1.38 -14.95
CA ILE A 57 -14.66 -0.56 -16.14
C ILE A 57 -13.18 -0.49 -16.53
N GLU A 58 -12.31 -0.88 -15.60
CA GLU A 58 -10.86 -0.74 -15.80
C GLU A 58 -10.39 -1.60 -16.98
N PRO A 59 -9.65 -1.01 -17.93
CA PRO A 59 -9.09 -1.82 -19.02
C PRO A 59 -7.81 -2.54 -18.61
N ILE A 60 -7.22 -3.31 -19.52
CA ILE A 60 -5.97 -4.02 -19.25
C ILE A 60 -4.90 -3.03 -18.77
N PRO A 61 -3.94 -3.48 -17.95
CA PRO A 61 -2.91 -2.58 -17.43
C PRO A 61 -2.17 -1.78 -18.51
N ALA A 62 -1.91 -2.43 -19.65
CA ALA A 62 -1.20 -1.80 -20.76
C ALA A 62 -2.15 -1.42 -21.90
N ALA A 63 -3.34 -0.94 -21.57
CA ALA A 63 -4.32 -0.52 -22.59
C ALA A 63 -3.71 0.54 -23.50
N LYS A 64 -3.93 0.41 -24.80
CA LYS A 64 -3.30 1.32 -25.77
C LYS A 64 -3.82 2.76 -25.64
N THR A 65 -4.98 2.92 -25.00
CA THR A 65 -5.55 4.23 -24.68
C THR A 65 -4.78 4.99 -23.59
N LYS A 66 -3.93 4.30 -22.84
CA LYS A 66 -3.27 4.89 -21.66
C LYS A 66 -1.99 5.66 -21.97
N ASP A 67 -1.84 6.81 -21.31
CA ASP A 67 -0.61 7.62 -21.31
C ASP A 67 0.57 6.94 -20.62
N HIS A 68 0.28 6.32 -19.47
CA HIS A 68 1.29 5.65 -18.68
C HIS A 68 0.89 4.19 -18.50
N PRO A 69 0.98 3.40 -19.59
CA PRO A 69 0.62 1.99 -19.51
C PRO A 69 1.52 1.22 -18.56
N ASN A 70 0.94 0.27 -17.84
CA ASN A 70 1.71 -0.63 -17.00
C ASN A 70 1.96 -1.90 -17.80
N HIS A 71 3.19 -2.06 -18.27
CA HIS A 71 3.57 -3.20 -19.12
C HIS A 71 3.99 -4.43 -18.32
N VAL A 72 3.91 -4.33 -16.99
CA VAL A 72 4.42 -5.37 -16.10
C VAL A 72 3.29 -6.31 -15.63
N LEU A 73 2.19 -5.75 -15.17
CA LEU A 73 1.09 -6.56 -14.64
C LEU A 73 0.44 -7.42 -15.72
N SER A 74 -0.07 -8.58 -15.32
CA SER A 74 -0.72 -9.50 -16.26
C SER A 74 -1.96 -8.86 -16.86
N THR A 75 -2.37 -9.34 -18.04
CA THR A 75 -3.58 -8.83 -18.69
C THR A 75 -4.85 -9.16 -17.90
N THR A 76 -4.77 -10.13 -16.98
CA THR A 76 -5.89 -10.51 -16.12
C THR A 76 -5.86 -9.79 -14.76
N THR A 77 -5.16 -8.67 -14.70
CA THR A 77 -5.15 -7.82 -13.52
C THR A 77 -5.91 -6.53 -13.82
N ARG A 78 -6.76 -6.13 -12.89
CA ARG A 78 -7.39 -4.82 -12.94
C ARG A 78 -6.99 -4.03 -11.70
N LEU A 79 -6.22 -2.96 -11.91
CA LEU A 79 -5.75 -2.11 -10.83
C LEU A 79 -6.37 -0.73 -10.99
N VAL A 80 -7.02 -0.25 -9.94
CA VAL A 80 -7.55 1.12 -9.93
C VAL A 80 -7.01 1.86 -8.71
N ASN A 81 -6.32 2.98 -8.97
CA ASN A 81 -5.75 3.83 -7.93
C ASN A 81 -6.46 5.19 -7.87
N VAL A 82 -5.92 6.13 -7.09
CA VAL A 82 -6.61 7.39 -6.78
C VAL A 82 -8.03 7.10 -6.28
N LEU A 83 -8.09 6.48 -5.11
CA LEU A 83 -9.34 5.97 -4.56
C LEU A 83 -10.17 6.99 -3.78
N ALA A 84 -9.54 8.09 -3.37
CA ALA A 84 -10.23 9.09 -2.53
C ALA A 84 -11.56 9.58 -3.12
N PRO A 85 -11.59 9.97 -4.42
CA PRO A 85 -12.86 10.43 -4.99
C PRO A 85 -13.89 9.30 -5.23
N ILE A 86 -13.41 8.06 -5.29
CA ILE A 86 -14.26 6.89 -5.49
C ILE A 86 -14.93 6.41 -4.20
N SER A 87 -14.18 6.41 -3.10
CA SER A 87 -14.59 5.66 -1.91
C SER A 87 -14.57 6.47 -0.60
N LYS A 88 -15.75 6.65 -0.02
CA LYS A 88 -15.91 7.26 1.30
C LYS A 88 -15.18 6.44 2.36
N ALA A 89 -15.33 5.11 2.29
CA ALA A 89 -14.65 4.21 3.24
C ALA A 89 -13.14 4.37 3.20
N TYR A 90 -12.59 4.49 1.99
CA TYR A 90 -11.14 4.67 1.84
C TYR A 90 -10.68 5.99 2.43
N ARG A 91 -11.28 7.08 1.95
CA ARG A 91 -10.82 8.42 2.31
C ARG A 91 -11.05 8.77 3.78
N GLU A 92 -12.06 8.15 4.39
CA GLU A 92 -12.38 8.39 5.80
C GLU A 92 -11.78 7.33 6.71
N ASP A 93 -12.23 6.08 6.57
CA ASP A 93 -11.83 5.04 7.52
C ASP A 93 -10.39 4.58 7.35
N VAL A 94 -9.96 4.25 6.13
CA VAL A 94 -8.62 3.66 5.97
C VAL A 94 -7.51 4.71 6.03
N LEU A 95 -7.73 5.91 5.47
CA LEU A 95 -6.72 6.99 5.54
C LEU A 95 -6.48 7.50 6.97
N ASN A 96 -7.46 7.30 7.85
CA ASN A 96 -7.34 7.66 9.27
C ASN A 96 -7.19 6.45 10.19
N SER A 97 -6.84 5.30 9.63
CA SER A 97 -6.65 4.08 10.42
C SER A 97 -5.59 4.27 11.50
N LYS A 98 -6.02 4.12 12.76
CA LYS A 98 -5.12 4.23 13.91
C LYS A 98 -3.97 3.22 13.80
N VAL A 99 -4.30 1.99 13.40
CA VAL A 99 -3.32 0.92 13.27
C VAL A 99 -2.28 1.26 12.19
N LEU A 100 -2.75 1.69 11.02
CA LEU A 100 -1.86 2.07 9.93
C LEU A 100 -0.89 3.17 10.36
N HIS A 101 -1.41 4.18 11.05
CA HIS A 101 -0.59 5.33 11.45
C HIS A 101 0.42 5.03 12.54
N ARG A 102 0.07 4.15 13.47
CA ARG A 102 1.04 3.71 14.47
C ARG A 102 2.20 2.97 13.79
N ILE A 103 1.87 2.05 12.89
CA ILE A 103 2.86 1.29 12.14
C ILE A 103 3.78 2.21 11.31
N CYS A 104 3.17 3.15 10.60
CA CYS A 104 3.93 4.06 9.73
C CYS A 104 4.85 5.01 10.52
N SER A 105 4.36 5.53 11.65
CA SER A 105 5.18 6.38 12.52
C SER A 105 6.33 5.58 13.14
N ASP A 106 6.04 4.32 13.52
CA ASP A 106 7.09 3.40 13.98
C ASP A 106 8.14 3.17 12.88
N ALA A 107 7.66 2.90 11.67
CA ALA A 107 8.52 2.56 10.53
C ALA A 107 9.41 3.70 10.03
N PHE A 108 8.83 4.89 9.95
CA PHE A 108 9.45 6.00 9.22
C PHE A 108 10.00 7.13 10.10
N HIS A 109 10.02 6.94 11.41
CA HIS A 109 10.47 8.00 12.34
C HIS A 109 11.86 8.55 12.04
N VAL A 110 12.77 7.70 11.59
CA VAL A 110 14.13 8.16 11.23
C VAL A 110 14.10 9.21 10.12
N TYR A 111 13.15 9.08 9.18
CA TYR A 111 13.07 9.94 8.01
C TYR A 111 12.18 11.17 8.20
N GLY A 112 11.04 10.98 8.87
CA GLY A 112 10.08 12.06 9.08
C GLY A 112 8.67 11.72 8.59
N ASP A 113 7.97 12.70 8.04
CA ASP A 113 6.60 12.49 7.55
C ASP A 113 6.55 11.41 6.48
N TYR A 114 5.41 10.71 6.42
CA TYR A 114 5.15 9.72 5.38
C TYR A 114 3.82 10.06 4.71
N TRP A 115 3.61 9.49 3.54
CA TRP A 115 2.33 9.65 2.83
C TRP A 115 2.02 8.44 1.95
N VAL A 116 0.89 8.49 1.25
CA VAL A 116 0.50 7.39 0.37
C VAL A 116 1.25 7.50 -0.96
N LEU A 117 2.08 6.52 -1.24
CA LEU A 117 2.71 6.41 -2.56
C LEU A 117 1.69 5.90 -3.57
N MET A 118 0.93 4.89 -3.19
CA MET A 118 -0.21 4.44 -3.98
C MET A 118 -1.19 3.64 -3.12
N GLY A 119 -2.47 4.01 -3.22
CA GLY A 119 -3.57 3.21 -2.70
C GLY A 119 -4.36 2.69 -3.88
N ALA A 120 -4.35 1.38 -4.10
CA ALA A 120 -5.03 0.79 -5.24
C ALA A 120 -5.81 -0.46 -4.87
N VAL A 121 -6.95 -0.65 -5.54
CA VAL A 121 -7.64 -1.93 -5.50
C VAL A 121 -7.14 -2.74 -6.69
N MET A 122 -6.65 -3.94 -6.41
CA MET A 122 -6.22 -4.88 -7.43
C MET A 122 -7.17 -6.05 -7.44
N GLU A 123 -7.73 -6.38 -8.60
CA GLU A 123 -8.54 -7.57 -8.75
C GLU A 123 -7.93 -8.49 -9.80
N LEU A 124 -7.76 -9.75 -9.43
CA LEU A 124 -7.16 -10.74 -10.31
C LEU A 124 -8.27 -11.65 -10.85
N ALA A 125 -8.34 -11.81 -12.17
CA ALA A 125 -9.36 -12.64 -12.80
C ALA A 125 -9.07 -14.10 -12.51
N PRO A 126 -10.09 -14.97 -12.65
CA PRO A 126 -9.80 -16.40 -12.55
C PRO A 126 -8.69 -16.82 -13.51
N SER A 127 -7.85 -17.75 -13.07
CA SER A 127 -6.71 -18.26 -13.86
C SER A 127 -5.56 -17.26 -13.99
N ASN A 128 -5.57 -16.18 -13.20
CA ASN A 128 -4.46 -15.23 -13.18
C ASN A 128 -3.18 -15.94 -12.78
N PRO A 129 -2.11 -15.82 -13.60
CA PRO A 129 -0.88 -16.56 -13.25
C PRO A 129 -0.10 -15.92 -12.10
N ALA A 130 0.75 -16.73 -11.47
CA ALA A 130 1.68 -16.25 -10.45
C ALA A 130 2.61 -15.21 -11.05
N GLN A 131 2.89 -14.16 -10.28
CA GLN A 131 3.87 -13.16 -10.68
C GLN A 131 5.25 -13.74 -10.37
N PRO A 132 6.29 -13.27 -11.08
CA PRO A 132 7.64 -13.63 -10.65
C PRO A 132 7.94 -13.01 -9.29
N LEU A 133 8.83 -13.64 -8.54
CA LEU A 133 9.28 -13.12 -7.26
C LEU A 133 9.99 -11.79 -7.50
N HIS A 134 9.66 -10.78 -6.69
CA HIS A 134 10.19 -9.44 -6.89
C HIS A 134 10.20 -8.62 -5.61
N ARG A 135 10.88 -7.49 -5.70
CA ARG A 135 10.74 -6.41 -4.73
C ARG A 135 9.98 -5.31 -5.42
N ASP A 136 9.12 -4.61 -4.68
CA ASP A 136 8.39 -3.47 -5.21
C ASP A 136 9.31 -2.28 -5.46
N MET A 137 8.78 -1.28 -6.16
CA MET A 137 9.43 0.03 -6.36
C MET A 137 10.47 0.13 -7.49
N ARG A 138 10.83 -0.99 -8.10
CA ARG A 138 11.90 -1.01 -9.10
C ARG A 138 11.50 -0.53 -10.50
N PHE A 139 10.20 -0.40 -10.75
CA PHE A 139 9.69 0.12 -12.03
C PHE A 139 9.28 1.60 -11.93
N SER A 140 9.52 2.21 -10.78
CA SER A 140 9.12 3.60 -10.53
C SER A 140 10.17 4.43 -9.79
N HIS A 141 10.91 3.80 -8.88
CA HIS A 141 11.89 4.50 -8.05
C HIS A 141 13.26 3.83 -8.08
N PRO A 142 13.97 3.92 -9.22
CA PRO A 142 15.34 3.39 -9.32
C PRO A 142 16.27 3.87 -8.19
N ILE A 143 16.01 5.06 -7.64
CA ILE A 143 16.77 5.55 -6.49
C ILE A 143 16.85 4.52 -5.35
N VAL A 144 15.77 3.78 -5.10
CA VAL A 144 15.74 2.90 -3.92
C VAL A 144 16.82 1.82 -3.96
N GLU A 145 17.16 1.34 -5.15
CA GLU A 145 18.22 0.33 -5.31
C GLU A 145 19.59 0.84 -4.86
N TYR A 146 19.80 2.15 -4.91
CA TYR A 146 21.08 2.76 -4.53
C TYR A 146 21.22 3.04 -3.03
N LEU A 147 20.21 2.69 -2.24
CA LEU A 147 20.27 2.86 -0.79
C LEU A 147 21.18 1.80 -0.15
N LYS A 148 21.92 2.21 0.88
CA LYS A 148 22.75 1.30 1.66
C LYS A 148 21.89 0.20 2.28
N PRO A 149 22.49 -0.97 2.55
CA PRO A 149 21.68 -2.11 3.05
C PRO A 149 21.06 -1.93 4.44
N ASP A 150 21.62 -1.05 5.27
CA ASP A 150 21.07 -0.80 6.61
C ASP A 150 20.15 0.42 6.65
N ALA A 151 19.96 1.06 5.50
CA ALA A 151 18.99 2.14 5.41
C ALA A 151 17.63 1.60 5.82
N PRO A 152 16.97 2.28 6.77
CA PRO A 152 15.62 1.85 7.12
C PRO A 152 14.69 1.90 5.91
N ALA A 153 13.72 0.98 5.85
CA ALA A 153 12.79 0.90 4.73
C ALA A 153 12.16 2.27 4.47
N THR A 154 12.17 2.70 3.21
CA THR A 154 11.61 4.00 2.82
C THR A 154 10.18 3.88 2.34
N SER A 155 9.72 2.66 2.08
CA SER A 155 8.30 2.41 1.84
C SER A 155 7.89 1.04 2.33
N ILE A 156 6.61 0.90 2.65
CA ILE A 156 6.03 -0.38 3.06
C ILE A 156 4.70 -0.56 2.31
N ASN A 157 4.23 -1.80 2.25
CA ASN A 157 3.03 -2.12 1.48
C ASN A 157 2.06 -2.97 2.29
N PHE A 158 0.89 -2.41 2.57
CA PHE A 158 -0.21 -3.15 3.19
C PHE A 158 -1.02 -3.81 2.09
N LEU A 159 -0.94 -5.13 1.99
CA LEU A 159 -1.74 -5.90 1.05
C LEU A 159 -2.97 -6.42 1.79
N VAL A 160 -4.07 -5.68 1.69
CA VAL A 160 -5.28 -5.96 2.47
C VAL A 160 -6.23 -6.85 1.67
N ALA A 161 -6.59 -8.01 2.22
CA ALA A 161 -7.54 -8.90 1.56
C ALA A 161 -8.93 -8.28 1.52
N LEU A 162 -9.49 -8.16 0.33
CA LEU A 162 -10.89 -7.75 0.15
C LEU A 162 -11.77 -8.96 -0.23
N SER A 163 -11.14 -10.11 -0.39
CA SER A 163 -11.81 -11.40 -0.53
C SER A 163 -10.85 -12.47 0.00
N PRO A 164 -11.31 -13.73 0.15
CA PRO A 164 -10.42 -14.73 0.74
C PRO A 164 -9.14 -14.96 -0.06
N PHE A 165 -8.01 -15.03 0.64
CA PHE A 165 -6.73 -15.43 0.05
C PHE A 165 -6.50 -16.90 0.42
N THR A 166 -6.54 -17.80 -0.56
CA THR A 166 -6.27 -19.23 -0.31
C THR A 166 -5.07 -19.69 -1.13
N ALA A 167 -4.52 -20.85 -0.76
CA ALA A 167 -3.39 -21.41 -1.49
C ALA A 167 -3.75 -21.63 -2.95
N GLU A 168 -4.94 -22.19 -3.19
CA GLU A 168 -5.38 -22.56 -4.53
C GLU A 168 -5.85 -21.36 -5.38
N ASN A 169 -6.31 -20.28 -4.75
CA ASN A 169 -6.78 -19.10 -5.50
C ASN A 169 -5.75 -17.96 -5.67
N GLY A 170 -4.52 -18.19 -5.22
CA GLY A 170 -3.40 -17.29 -5.53
C GLY A 170 -2.89 -16.38 -4.43
N ALA A 171 -3.14 -16.75 -3.17
CA ALA A 171 -2.62 -16.01 -2.02
C ALA A 171 -1.13 -15.68 -2.20
N THR A 172 -0.77 -14.48 -1.81
CA THR A 172 0.60 -13.95 -1.94
C THR A 172 1.65 -14.86 -1.32
N HIS A 173 2.79 -15.00 -1.99
CA HIS A 173 3.97 -15.67 -1.45
C HIS A 173 4.94 -14.61 -0.93
N VAL A 174 5.62 -14.90 0.18
CA VAL A 174 6.75 -14.08 0.65
C VAL A 174 7.91 -14.98 1.02
N ILE A 175 9.13 -14.46 0.96
CA ILE A 175 10.30 -15.13 1.52
C ILE A 175 10.70 -14.40 2.81
N LEU A 176 10.48 -15.04 3.95
CA LEU A 176 10.81 -14.42 5.24
C LEU A 176 12.31 -14.18 5.35
N GLY A 177 12.69 -13.02 5.87
CA GLY A 177 14.09 -12.64 6.00
C GLY A 177 14.72 -12.06 4.74
N SER A 178 14.00 -12.12 3.62
CA SER A 178 14.57 -11.72 2.32
C SER A 178 14.74 -10.20 2.17
N HIS A 179 14.05 -9.44 2.99
CA HIS A 179 14.26 -7.99 3.09
C HIS A 179 15.70 -7.61 3.51
N LYS A 180 16.41 -8.55 4.14
CA LYS A 180 17.80 -8.34 4.53
C LYS A 180 18.80 -8.96 3.54
N TRP A 181 18.31 -9.65 2.51
CA TRP A 181 19.19 -10.30 1.53
C TRP A 181 19.90 -9.28 0.63
N GLN A 182 21.19 -9.50 0.41
CA GLN A 182 21.97 -8.74 -0.56
C GLN A 182 22.29 -9.60 -1.78
N ASN A 183 22.61 -10.87 -1.54
CA ASN A 183 22.79 -11.86 -2.60
C ASN A 183 21.41 -12.44 -2.96
N LEU A 184 20.99 -12.31 -4.21
CA LEU A 184 19.67 -12.79 -4.64
C LEU A 184 19.75 -14.04 -5.53
N SER A 185 20.53 -15.03 -5.09
CA SER A 185 20.65 -16.31 -5.80
C SER A 185 19.90 -17.47 -5.11
N ASN A 186 19.51 -17.27 -3.85
CA ASN A 186 18.61 -18.20 -3.16
C ASN A 186 17.13 -17.92 -3.47
N VAL A 187 16.89 -16.94 -4.35
CA VAL A 187 15.53 -16.60 -4.77
C VAL A 187 14.92 -17.80 -5.46
N SER A 188 13.89 -18.36 -4.85
CA SER A 188 13.20 -19.51 -5.38
C SER A 188 11.83 -19.61 -4.73
N MET A 189 10.86 -20.13 -5.47
CA MET A 189 9.53 -20.41 -4.92
C MET A 189 9.62 -21.45 -3.79
N ASP A 190 10.66 -22.28 -3.81
CA ASP A 190 10.93 -23.23 -2.72
C ASP A 190 11.11 -22.55 -1.36
N ALA A 191 11.51 -21.28 -1.36
CA ALA A 191 11.78 -20.55 -0.12
C ALA A 191 10.59 -19.75 0.40
N THR A 192 9.43 -19.85 -0.28
CA THR A 192 8.29 -19.01 0.08
C THR A 192 7.31 -19.66 1.07
N VAL A 193 6.59 -18.81 1.77
CA VAL A 193 5.38 -19.19 2.50
C VAL A 193 4.24 -18.28 2.04
N ARG A 194 3.01 -18.67 2.35
CA ARG A 194 1.83 -17.98 1.82
C ARG A 194 1.15 -17.11 2.87
N ALA A 195 0.52 -16.03 2.41
CA ALA A 195 -0.33 -15.21 3.26
C ALA A 195 -1.77 -15.68 3.09
N LEU A 196 -2.16 -16.68 3.88
CA LEU A 196 -3.54 -17.14 3.91
C LEU A 196 -4.32 -16.14 4.76
N MET A 197 -5.35 -15.53 4.19
CA MET A 197 -6.02 -14.42 4.85
C MET A 197 -7.54 -14.40 4.61
N ASN A 198 -8.26 -13.92 5.62
CA ASN A 198 -9.67 -13.63 5.50
C ASN A 198 -9.84 -12.19 5.03
N PRO A 199 -11.01 -11.85 4.48
CA PRO A 199 -11.25 -10.44 4.14
C PRO A 199 -11.06 -9.53 5.36
N GLY A 200 -10.29 -8.45 5.20
CA GLY A 200 -9.99 -7.52 6.29
C GLY A 200 -8.61 -7.71 6.90
N ASP A 201 -8.06 -8.92 6.78
CA ASP A 201 -6.68 -9.18 7.18
C ASP A 201 -5.75 -8.46 6.21
N ALA A 202 -4.53 -8.15 6.65
CA ALA A 202 -3.55 -7.49 5.80
C ALA A 202 -2.17 -8.11 5.92
N LEU A 203 -1.55 -8.36 4.77
CA LEU A 203 -0.14 -8.73 4.72
C LEU A 203 0.66 -7.44 4.66
N LEU A 204 1.58 -7.26 5.60
CA LEU A 204 2.45 -6.09 5.62
C LEU A 204 3.86 -6.51 5.24
N ILE A 205 4.39 -5.94 4.17
CA ILE A 205 5.78 -6.17 3.75
C ILE A 205 6.52 -4.84 3.60
N THR A 206 7.85 -4.92 3.48
CA THR A 206 8.65 -3.74 3.15
C THR A 206 8.99 -3.73 1.66
N ASP A 207 9.59 -2.64 1.21
CA ASP A 207 10.04 -2.52 -0.18
C ASP A 207 11.21 -3.47 -0.54
N SER A 208 11.82 -4.10 0.46
CA SER A 208 12.89 -5.08 0.23
C SER A 208 12.43 -6.53 0.35
N THR A 209 11.23 -6.76 0.87
CA THR A 209 10.69 -8.12 0.99
C THR A 209 10.44 -8.71 -0.39
N ILE A 210 11.03 -9.87 -0.65
CA ILE A 210 10.81 -10.59 -1.90
C ILE A 210 9.49 -11.35 -1.80
N HIS A 211 8.64 -11.18 -2.79
CA HIS A 211 7.27 -11.69 -2.76
C HIS A 211 6.68 -11.79 -4.15
N CYS A 212 5.50 -12.40 -4.27
CA CYS A 212 4.76 -12.41 -5.53
C CYS A 212 3.32 -12.81 -5.33
N GLY A 213 2.46 -12.33 -6.23
CA GLY A 213 1.11 -12.84 -6.33
C GLY A 213 1.14 -14.31 -6.70
N GLY A 214 0.18 -15.07 -6.19
CA GLY A 214 0.13 -16.51 -6.44
C GLY A 214 -0.67 -16.87 -7.68
N ALA A 215 -0.56 -18.14 -8.08
CA ALA A 215 -1.32 -18.66 -9.21
C ALA A 215 -2.76 -18.95 -8.81
N GLU A 216 -3.71 -18.41 -9.59
CA GLU A 216 -5.12 -18.75 -9.43
C GLU A 216 -5.33 -20.06 -10.18
N THR A 217 -5.59 -21.13 -9.45
CA THR A 217 -5.63 -22.47 -10.04
C THR A 217 -7.03 -23.09 -10.14
N THR A 218 -8.06 -22.37 -9.66
CA THR A 218 -9.42 -22.89 -9.67
C THR A 218 -10.13 -22.63 -10.99
N GLY A 219 -9.82 -21.50 -11.63
CA GLY A 219 -10.53 -21.07 -12.82
C GLY A 219 -11.91 -20.48 -12.53
N THR A 220 -12.25 -20.34 -11.24
CA THR A 220 -13.54 -19.79 -10.83
C THR A 220 -13.46 -18.61 -9.87
N GLU A 221 -12.39 -18.51 -9.09
CA GLU A 221 -12.32 -17.51 -8.01
C GLU A 221 -11.67 -16.20 -8.45
N THR A 222 -12.32 -15.09 -8.08
CA THR A 222 -11.80 -13.75 -8.34
C THR A 222 -11.28 -13.16 -7.02
N ARG A 223 -9.98 -12.98 -6.95
CA ARG A 223 -9.32 -12.47 -5.74
C ARG A 223 -9.16 -10.96 -5.86
N ARG A 224 -9.42 -10.24 -4.77
CA ARG A 224 -9.31 -8.78 -4.75
C ARG A 224 -8.55 -8.33 -3.51
N LEU A 225 -7.70 -7.33 -3.68
CA LEU A 225 -6.96 -6.75 -2.57
C LEU A 225 -6.93 -5.23 -2.63
N LEU A 226 -6.71 -4.61 -1.48
CA LEU A 226 -6.41 -3.17 -1.41
C LEU A 226 -4.94 -3.08 -1.03
N THR A 227 -4.13 -2.60 -1.96
CA THR A 227 -2.69 -2.43 -1.72
C THR A 227 -2.42 -0.97 -1.38
N ILE A 228 -1.87 -0.74 -0.19
CA ILE A 228 -1.54 0.60 0.28
C ILE A 228 -0.03 0.70 0.48
N THR A 229 0.64 1.29 -0.49
CA THR A 229 2.07 1.56 -0.35
C THR A 229 2.22 2.90 0.36
N MET A 230 2.72 2.83 1.59
CA MET A 230 3.00 4.00 2.41
C MET A 230 4.50 4.24 2.33
N GLY A 231 4.90 5.48 2.13
CA GLY A 231 6.32 5.81 1.95
C GLY A 231 6.66 7.17 2.53
N ILE A 232 7.94 7.42 2.75
CA ILE A 232 8.39 8.68 3.30
C ILE A 232 8.02 9.81 2.33
N SER A 233 7.67 10.97 2.91
CA SER A 233 7.22 12.11 2.12
C SER A 233 8.32 12.70 1.21
N GLN A 234 9.55 12.20 1.36
CA GLN A 234 10.67 12.58 0.50
C GLN A 234 10.69 11.85 -0.84
N LEU A 235 9.87 10.81 -0.97
CA LEU A 235 9.74 10.07 -2.24
C LEU A 235 8.43 10.42 -2.92
N THR A 236 8.46 10.56 -4.25
CA THR A 236 7.30 10.97 -5.03
C THR A 236 6.29 9.83 -5.17
N PRO A 237 4.99 10.12 -4.95
CA PRO A 237 3.97 9.08 -5.13
C PRO A 237 3.88 8.53 -6.55
N LEU A 238 3.47 7.26 -6.65
CA LEU A 238 3.20 6.63 -7.95
C LEU A 238 1.96 7.27 -8.57
N GLU A 239 1.07 7.75 -7.71
CA GLU A 239 -0.23 8.29 -8.14
C GLU A 239 -0.40 9.74 -7.71
N SER A 240 -1.24 10.48 -8.43
CA SER A 240 -1.52 11.89 -8.13
C SER A 240 -2.97 12.10 -7.69
N ASN A 241 -3.15 12.97 -6.70
CA ASN A 241 -4.48 13.43 -6.28
C ASN A 241 -4.74 14.88 -6.69
N LEU A 242 -3.98 15.38 -7.65
CA LEU A 242 -4.06 16.77 -8.10
C LEU A 242 -5.42 17.10 -8.70
N ALA A 243 -6.04 16.12 -9.34
CA ALA A 243 -7.33 16.30 -10.01
C ALA A 243 -8.55 15.95 -9.14
N VAL A 244 -8.31 15.61 -7.88
CA VAL A 244 -9.41 15.32 -6.95
C VAL A 244 -10.12 16.63 -6.59
N PRO A 245 -11.46 16.67 -6.74
CA PRO A 245 -12.18 17.92 -6.50
C PRO A 245 -11.98 18.48 -5.09
N ARG A 246 -11.89 19.80 -4.97
CA ARG A 246 -11.64 20.47 -3.69
C ARG A 246 -12.69 20.18 -2.62
N PRO A 247 -13.97 20.07 -3.00
CA PRO A 247 -14.98 19.64 -2.02
C PRO A 247 -14.67 18.28 -1.38
N VAL A 248 -14.15 17.35 -2.16
CA VAL A 248 -13.74 16.04 -1.63
C VAL A 248 -12.55 16.23 -0.68
N ILE A 249 -11.53 16.96 -1.13
CA ILE A 249 -10.33 17.20 -0.32
C ILE A 249 -10.68 17.89 1.00
N GLU A 250 -11.55 18.89 0.92
CA GLU A 250 -11.94 19.65 2.11
C GLU A 250 -12.85 18.89 3.08
N SER A 251 -13.39 17.73 2.65
CA SER A 251 -14.16 16.85 3.53
C SER A 251 -13.24 15.95 4.37
N LEU A 252 -11.96 15.88 4.01
CA LEU A 252 -11.00 15.01 4.67
C LEU A 252 -10.47 15.64 5.95
N THR A 253 -9.92 14.79 6.83
CA THR A 253 -9.17 15.27 7.99
C THR A 253 -7.84 15.87 7.50
N PRO A 254 -7.24 16.76 8.30
CA PRO A 254 -5.92 17.30 7.94
C PRO A 254 -4.87 16.21 7.68
N LEU A 255 -4.93 15.12 8.44
CA LEU A 255 -4.01 14.00 8.29
C LEU A 255 -4.17 13.32 6.92
N ALA A 256 -5.41 13.05 6.54
CA ALA A 256 -5.71 12.45 5.23
C ALA A 256 -5.29 13.39 4.09
N GLN A 257 -5.52 14.69 4.25
CA GLN A 257 -5.07 15.67 3.25
C GLN A 257 -3.56 15.62 3.04
N ARG A 258 -2.81 15.49 4.14
CA ARG A 258 -1.35 15.36 4.07
C ARG A 258 -0.95 14.10 3.31
N LEU A 259 -1.60 12.98 3.64
CA LEU A 259 -1.36 11.69 2.97
C LEU A 259 -1.57 11.73 1.47
N LEU A 260 -2.45 12.60 1.01
CA LEU A 260 -2.77 12.70 -0.42
C LEU A 260 -1.99 13.80 -1.14
N GLY A 261 -1.02 14.42 -0.48
CA GLY A 261 -0.22 15.48 -1.10
C GLY A 261 -0.93 16.82 -1.15
N TRP A 262 -1.99 16.98 -0.38
CA TRP A 262 -2.66 18.26 -0.23
C TRP A 262 -2.27 18.96 1.07
N ALA A 263 -1.00 18.81 1.43
CA ALA A 263 -0.40 19.56 2.54
C ALA A 263 1.11 19.54 2.36
N SER A 264 1.78 20.49 3.01
CA SER A 264 3.23 20.47 3.05
C SER A 264 3.67 19.30 3.93
N GLN A 265 4.96 18.97 3.90
CA GLN A 265 5.47 17.82 4.65
C GLN A 265 6.74 18.22 5.38
N ARG A 266 7.12 17.42 6.36
CA ARG A 266 8.30 17.69 7.18
C ARG A 266 9.20 16.47 7.23
N SER A 267 10.52 16.71 7.21
CA SER A 267 11.50 15.66 7.46
C SER A 267 11.85 15.59 8.94
N ALA A 268 12.61 14.58 9.31
CA ALA A 268 13.00 14.36 10.71
C ALA A 268 14.30 15.07 11.11
N ALA A 269 14.90 15.82 10.18
CA ALA A 269 16.12 16.59 10.47
C ALA A 269 15.84 17.60 11.59
N PRO A 270 16.72 17.68 12.60
CA PRO A 270 16.48 18.56 13.76
C PRO A 270 15.91 19.95 13.43
N ARG A 271 16.54 20.65 12.48
CA ARG A 271 16.08 21.96 12.01
C ARG A 271 15.48 21.83 10.61
N ASP A 272 14.55 20.87 10.47
CA ASP A 272 13.83 20.63 9.22
C ASP A 272 13.34 21.91 8.53
N ILE A 273 13.63 22.04 7.23
CA ILE A 273 13.15 23.19 6.46
C ILE A 273 11.92 22.87 5.60
N GLY A 274 11.54 21.59 5.54
CA GLY A 274 10.25 21.18 5.00
C GLY A 274 10.23 20.84 3.52
N LEU A 275 9.11 20.23 3.11
CA LEU A 275 8.89 19.82 1.74
C LEU A 275 7.57 20.42 1.25
N LEU A 276 7.51 20.76 -0.03
CA LEU A 276 6.32 21.35 -0.67
C LEU A 276 5.85 22.61 0.05
N THR A 277 6.80 23.45 0.48
CA THR A 277 6.50 24.71 1.16
C THR A 277 6.39 25.85 0.15
N ILE A 278 5.80 26.95 0.60
CA ILE A 278 5.62 28.12 -0.25
C ILE A 278 6.15 29.35 0.50
N ARG A 279 7.40 29.70 0.22
CA ARG A 279 8.06 30.84 0.85
C ARG A 279 7.91 30.83 2.37
N GLY A 280 8.22 29.69 2.98
CA GLY A 280 8.21 29.55 4.43
C GLY A 280 6.86 29.16 5.04
N ASN A 281 5.80 29.12 4.23
CA ASN A 281 4.49 28.69 4.71
C ASN A 281 3.99 27.44 4.00
N SER A 282 3.03 26.76 4.63
CA SER A 282 2.51 25.51 4.11
C SER A 282 1.49 25.72 2.99
N ILE A 283 1.27 24.67 2.21
CA ILE A 283 0.23 24.64 1.18
C ILE A 283 -1.15 24.96 1.76
N GLU A 284 -1.47 24.31 2.87
CA GLU A 284 -2.79 24.42 3.49
C GLU A 284 -3.07 25.81 4.04
N LYS A 285 -2.05 26.48 4.56
CA LYS A 285 -2.19 27.87 5.02
C LYS A 285 -2.35 28.81 3.83
N THR A 286 -1.49 28.63 2.83
CA THR A 286 -1.49 29.46 1.62
C THR A 286 -2.79 29.42 0.83
N MET A 287 -3.38 28.23 0.68
CA MET A 287 -4.58 28.06 -0.15
C MET A 287 -5.88 28.16 0.64
N ASN A 288 -5.77 28.56 1.91
CA ASN A 288 -6.86 28.51 2.89
C ASN A 288 -7.71 27.23 2.78
N LEU A 289 -7.03 26.09 2.89
CA LEU A 289 -7.67 24.80 2.71
C LEU A 289 -8.39 24.39 3.99
N LYS A 290 -9.69 24.15 3.87
CA LYS A 290 -10.51 23.69 4.98
C LYS A 290 -10.42 22.17 5.10
N ALA A 291 -10.82 21.66 6.27
CA ALA A 291 -10.79 20.24 6.56
C ALA A 291 -12.08 19.82 7.27
N GLU A 292 -12.49 18.57 7.04
CA GLU A 292 -13.68 18.00 7.69
C GLU A 292 -14.96 18.80 7.41
N GLN A 293 -15.11 19.26 6.17
CA GLN A 293 -16.33 19.91 5.71
C GLN A 293 -17.23 18.86 5.07
N PRO A 294 -18.36 18.50 5.75
CA PRO A 294 -19.21 17.45 5.17
C PRO A 294 -19.72 17.76 3.76
N LEU A 295 -19.86 16.71 2.96
CA LEU A 295 -20.31 16.85 1.57
C LEU A 295 -21.83 16.81 1.53
NI NI B . 4.60 -6.60 -5.35
C1 AKG C . 2.37 -6.64 -7.04
O1 AKG C . 3.36 -5.91 -6.82
O2 AKG C . 1.66 -6.51 -8.05
C2 AKG C . 2.08 -7.70 -6.08
O5 AKG C . 2.97 -8.04 -5.29
C3 AKG C . 0.72 -8.37 -6.03
C4 AKG C . 0.68 -9.47 -4.96
C5 AKG C . -0.63 -10.22 -4.99
O3 AKG C . -1.01 -10.78 -3.95
O4 AKG C . -1.29 -10.26 -6.05
C4 58D D . 3.08 -2.82 -9.78
C7 58D D . 5.08 -3.93 -8.84
C8 58D D . 6.14 -5.06 -9.03
C10 58D D . 6.86 -6.81 -10.44
C13 58D D . 4.30 -7.55 -11.11
C15 58D D . 5.57 -2.81 -8.12
C20 58D D . 1.37 -2.43 -5.96
C22 58D D . 3.99 -9.51 -13.17
O21 58D D . 5.26 -9.31 -12.53
C12 58D D . 5.38 -8.25 -11.66
C11 58D D . 6.66 -7.87 -11.32
C14 58D D . 4.49 -6.48 -10.22
C9 58D D . 5.80 -6.09 -9.90
O16 58D D . 6.77 -2.51 -8.13
N17 58D D . 4.68 -2.00 -7.41
C18 58D D . 3.30 -2.28 -7.38
C19 58D D . 2.73 -2.17 -6.11
C1 58D D . 0.61 -2.82 -7.05
C2 58D D . 1.19 -2.94 -8.32
C3 58D D . 2.55 -2.67 -8.48
O5 58D D . 2.45 -2.34 -10.73
N6 58D D . 4.29 -3.38 -9.99
C23 58D D . 4.87 -3.43 -11.37
#